data_7UHB
#
_entry.id   7UHB
#
loop_
_entity.id
_entity.type
_entity.pdbx_description
1 polymer 'Spike glycoprotein'
2 polymer 'Multivalent miniprotein inhibitor AHB2-2GS-SB175'
3 branched 2-acetamido-2-deoxy-beta-D-glucopyranose-(1-4)-[alpha-L-fucopyranose-(1-6)]2-acetamido-2-deoxy-beta-D-glucopyranose
#
loop_
_entity_poly.entity_id
_entity_poly.type
_entity_poly.pdbx_seq_one_letter_code
_entity_poly.pdbx_strand_id
1 'polypeptide(L)'
;MFVFLVLLPLVSSQCVNLTTRTQLPPAYTNSFTRGVYYPDKVFRSSVLHSTQDLFLPFFSNVTWFHAIHVSGTNGTKRFD
NPVLPFNDGVYFASTEKSNIIRGWIFGTTLDSKTQSLLIVNNATNVVIKVCEFQFCNDPFLGVYYHKNNKSWMESEFRVY
SSANNCTFEYVSQPFLMDLEGKQGNFKNLREFVFKNIDGYFKIYSKHTPINLVRDLPQGFSALEPLVDLPIGINITRFQT
LLALHRSYLTPGDSSSGWTAGAAAYYVGYLQPRTFLLKYNENGTITDAVDCALDPLSETKCTLKSFTVEKGIYQTSNFRV
QPTESIVRFPNITNLCPFGEVFNATRFASVYAWNRKRISNCVADYSVLYNSASFSTFKCYGVSPTKLNDLCFTNVYADSF
VIRGDEVRQIAPGQTGKIADYNYKLPDDFTGCVIAWNSNNLDSKVGGNYNYLYRLFRKSNLKPFERDISTEIYQAGSTPC
NGVEGFNCYFPLQSYGFQPTNGVGYQPYRVVVLSFELLHAPATVCGPKKSTNLVKNKCVNFNFNGLTGTGVLTESNKKFL
PFQQFGRDIADTTDAVRDPQTLEILDITPCSFGGVSVITPGTNTSNQVAVLYQDVNCTEVPVAIHADQLTPTWRVYSTGS
NVFQTRAGCLIGAEHVNNSYECDIPIGAGICASYQTQTNSPGSASSVASQSIIAYTMSLGAENSVAYSNNSIAIPTNFTI
SVTTEILPVSMTKTSVDCTMYICGDSTECSNLLLQYGSFCTQLNRALTGIAVEQDKNTQEVFAQVKQIYKTPPIKDFGGF
NFSQILPDPSKPSKRSPIEDLLFNKVTLADAGFIKQYGDCLGDIAARDLICAQKFNGLTVLPPLLTDEMIAQYTSALLAG
TITSGWTFGAGPALQIPFPMQMAYRFNGIGVTQNVLYENQKLIANQFNSAIGKIQDSLSSTPSALGKLQDVVNQNAQALN
TLVKQLSSNFGAISSVLNDILSRLDPPEAEVQIDRLITGRLQSLQTYVTQQLIRAAEIRASANLAATKMSECVLGQSKRV
DFCGKGYHLMSFPQSAPHGVVFLHVTYVPAQEKNFTTAPAICHDGKAHFPREGVFVSNGTHWFVTQRNFYEPQIITTDNT
FVSGNCDVVIGIVNNTVYDPLQPELDSFKEELDKYFKNHTSPDVDLGDISGINASVVNIQKEIDRLNEVAKNLNESLIDL
QELGKYEQGSGYIPEAPRDGQAYVRKDGEWVLLSTFLGRSLEVLFQGPGHHHHHHHHSAWSHPQFEKGGGSGGGGSGGSA
WSHPQFEK
;
C
2 'polypeptide(L)'
;ELEEQVMHVLDQVSELAHELLHKLTGEELERAAYFNWWATEMMLELIKSDDEREIREIEEEARRILEHLEELARKGGSEA
LEELEKALRELKKSTDELERSTEELEKNPSEDALVENNRLIVENNKIIVEVLRIIAKVLKLEHHHHHH
;
K
#
# COMPACT_ATOMS: atom_id res chain seq x y z
N THR A 333 -5.53 -15.13 -33.31
CA THR A 333 -4.53 -15.03 -32.24
C THR A 333 -5.23 -14.95 -30.88
N ASN A 334 -4.66 -15.67 -29.89
CA ASN A 334 -5.21 -15.68 -28.54
C ASN A 334 -4.45 -14.70 -27.63
N LEU A 335 -5.00 -13.48 -27.56
CA LEU A 335 -4.32 -12.40 -26.84
C LEU A 335 -4.49 -12.59 -25.33
N CYS A 336 -3.47 -12.14 -24.58
CA CYS A 336 -3.50 -12.21 -23.10
C CYS A 336 -4.57 -11.33 -22.53
N PRO A 337 -5.30 -11.79 -21.52
CA PRO A 337 -6.46 -11.16 -20.90
C PRO A 337 -6.08 -10.02 -19.96
N PHE A 338 -5.46 -8.98 -20.51
CA PHE A 338 -5.09 -7.82 -19.70
C PHE A 338 -6.33 -7.04 -19.29
N GLY A 339 -7.40 -7.19 -20.07
CA GLY A 339 -8.66 -6.52 -19.78
C GLY A 339 -9.29 -7.04 -18.49
N GLU A 340 -8.86 -8.22 -18.04
CA GLU A 340 -9.39 -8.81 -16.82
C GLU A 340 -8.52 -8.41 -15.63
N VAL A 341 -7.42 -7.71 -15.90
CA VAL A 341 -6.49 -7.29 -14.88
C VAL A 341 -6.68 -5.81 -14.55
N PHE A 342 -6.76 -5.00 -15.60
CA PHE A 342 -6.86 -3.55 -15.45
C PHE A 342 -8.31 -3.06 -15.32
N ASN A 343 -9.18 -3.53 -16.23
CA ASN A 343 -10.59 -3.16 -16.21
C ASN A 343 -11.42 -4.05 -15.34
N ALA A 344 -10.81 -4.60 -14.27
CA ALA A 344 -11.49 -5.44 -13.31
C ALA A 344 -12.45 -4.60 -12.51
N THR A 345 -13.59 -5.17 -12.16
CA THR A 345 -14.60 -4.41 -11.46
C THR A 345 -14.25 -4.22 -10.00
N ARG A 346 -13.43 -5.10 -9.46
CA ARG A 346 -13.02 -5.02 -8.08
C ARG A 346 -11.53 -5.30 -7.92
N PHE A 347 -10.88 -4.48 -7.12
CA PHE A 347 -9.48 -4.69 -6.77
C PHE A 347 -9.35 -5.09 -5.31
N ALA A 348 -8.34 -5.90 -5.02
CA ALA A 348 -8.10 -6.41 -3.68
C ALA A 348 -7.45 -5.37 -2.78
N SER A 349 -7.60 -5.58 -1.48
CA SER A 349 -6.92 -4.78 -0.48
C SER A 349 -5.42 -5.06 -0.55
N VAL A 350 -4.61 -4.07 -0.19
CA VAL A 350 -3.17 -4.22 -0.33
C VAL A 350 -2.58 -5.31 0.57
N TYR A 351 -3.21 -5.55 1.71
CA TYR A 351 -2.70 -6.57 2.63
C TYR A 351 -2.94 -7.97 2.07
N ALA A 352 -3.84 -8.07 1.10
CA ALA A 352 -4.20 -9.34 0.49
C ALA A 352 -4.34 -9.20 -1.02
N TRP A 353 -3.24 -8.85 -1.66
CA TRP A 353 -3.24 -8.51 -3.08
C TRP A 353 -3.57 -9.72 -3.95
N ASN A 354 -4.23 -9.47 -5.07
CA ASN A 354 -4.67 -10.53 -5.95
C ASN A 354 -3.68 -10.83 -7.07
N ARG A 355 -3.21 -12.07 -7.14
CA ARG A 355 -2.30 -12.47 -8.19
C ARG A 355 -2.98 -13.29 -9.29
N LYS A 356 -2.84 -12.82 -10.52
CA LYS A 356 -3.32 -13.57 -11.67
C LYS A 356 -2.14 -14.06 -12.51
N ARG A 357 -2.18 -15.32 -12.92
CA ARG A 357 -1.12 -15.91 -13.71
C ARG A 357 -1.43 -15.87 -15.20
N ILE A 358 -0.58 -15.19 -15.95
CA ILE A 358 -0.72 -15.07 -17.40
C ILE A 358 0.22 -16.04 -18.10
N SER A 359 -0.33 -16.91 -18.95
CA SER A 359 0.49 -17.93 -19.58
C SER A 359 -0.12 -18.43 -20.88
N ASN A 360 0.73 -18.91 -21.78
CA ASN A 360 0.31 -19.52 -23.03
C ASN A 360 -0.65 -18.63 -23.83
N CYS A 361 -0.26 -17.37 -24.03
CA CYS A 361 -1.03 -16.37 -24.78
C CYS A 361 -0.10 -15.34 -25.40
N VAL A 362 -0.64 -14.52 -26.30
CA VAL A 362 0.13 -13.46 -26.93
C VAL A 362 0.00 -12.15 -26.16
N ALA A 363 1.11 -11.66 -25.64
CA ALA A 363 1.07 -10.50 -24.76
C ALA A 363 1.44 -9.23 -25.49
N ASP A 364 0.44 -8.42 -25.79
CA ASP A 364 0.68 -7.13 -26.43
C ASP A 364 0.83 -6.07 -25.36
N TYR A 365 2.02 -5.50 -25.24
CA TYR A 365 2.29 -4.53 -24.18
C TYR A 365 2.23 -3.11 -24.73
N SER A 366 1.94 -2.97 -26.01
CA SER A 366 1.89 -1.66 -26.65
C SER A 366 0.50 -1.05 -26.53
N VAL A 367 -0.42 -1.80 -25.98
CA VAL A 367 -1.80 -1.37 -25.79
C VAL A 367 -1.87 -0.58 -24.49
N LEU A 368 -1.16 -1.07 -23.47
CA LEU A 368 -1.07 -0.40 -22.19
C LEU A 368 -0.13 0.80 -22.29
N TYR A 369 1.04 0.59 -22.89
CA TYR A 369 2.02 1.67 -23.00
C TYR A 369 1.77 2.54 -24.22
N ASN A 370 0.62 3.21 -24.24
CA ASN A 370 0.22 4.15 -25.28
C ASN A 370 -1.14 4.72 -24.94
N SER A 371 -1.73 4.21 -23.84
CA SER A 371 -3.03 4.66 -23.40
C SER A 371 -2.98 6.06 -22.80
N ALA A 372 -1.85 6.39 -22.19
CA ALA A 372 -1.66 7.68 -21.54
C ALA A 372 -2.77 7.96 -20.54
N SER A 373 -3.17 6.93 -19.81
CA SER A 373 -4.17 7.06 -18.78
C SER A 373 -3.57 6.68 -17.43
N PHE A 374 -2.31 6.28 -17.46
CA PHE A 374 -1.61 5.83 -16.27
C PHE A 374 -0.76 6.96 -15.70
N SER A 375 -0.77 7.12 -14.38
CA SER A 375 0.05 8.15 -13.77
C SER A 375 1.46 7.65 -13.57
N THR A 376 1.58 6.34 -13.38
CA THR A 376 2.86 5.69 -13.21
C THR A 376 2.99 4.52 -14.16
N PHE A 377 4.11 4.45 -14.86
CA PHE A 377 4.43 3.30 -15.71
C PHE A 377 5.92 3.10 -15.71
N LYS A 378 6.42 2.44 -14.67
CA LYS A 378 7.86 2.32 -14.48
C LYS A 378 8.34 0.87 -14.62
N CYS A 379 9.23 0.62 -15.55
CA CYS A 379 9.75 -0.72 -15.83
C CYS A 379 11.18 -0.87 -15.36
N TYR A 380 11.43 -1.99 -14.69
CA TYR A 380 12.74 -2.31 -14.16
C TYR A 380 13.31 -3.53 -14.87
N GLY A 381 14.50 -3.39 -15.43
CA GLY A 381 15.17 -4.48 -16.13
C GLY A 381 14.81 -4.52 -17.61
N VAL A 382 13.54 -4.26 -17.92
CA VAL A 382 13.08 -4.27 -19.30
C VAL A 382 12.62 -2.90 -19.75
N SER A 383 13.06 -2.52 -20.95
CA SER A 383 12.61 -1.28 -21.57
C SER A 383 11.19 -1.44 -22.13
N PRO A 384 10.27 -0.52 -21.83
CA PRO A 384 8.89 -0.50 -22.28
C PRO A 384 8.74 -0.65 -23.79
N THR A 385 9.75 -0.18 -24.53
CA THR A 385 9.68 -0.21 -25.99
C THR A 385 10.37 -1.45 -26.57
N LYS A 386 11.05 -2.21 -25.73
CA LYS A 386 11.70 -3.46 -26.14
C LYS A 386 10.90 -4.64 -25.60
N LEU A 387 10.02 -4.34 -24.65
CA LEU A 387 9.21 -5.35 -23.99
C LEU A 387 8.56 -6.37 -24.91
N ASN A 388 8.01 -5.88 -26.00
CA ASN A 388 7.34 -6.73 -26.98
C ASN A 388 7.97 -7.78 -27.85
N ASP A 389 9.30 -7.82 -27.80
CA ASP A 389 10.08 -8.75 -28.58
C ASP A 389 10.63 -9.86 -27.71
N LEU A 390 10.24 -9.86 -26.44
CA LEU A 390 10.76 -10.84 -25.47
C LEU A 390 9.71 -11.92 -25.16
N CYS A 391 10.21 -13.14 -24.92
CA CYS A 391 9.36 -14.28 -24.51
C CYS A 391 9.69 -14.70 -23.09
N PHE A 392 8.63 -14.95 -22.32
CA PHE A 392 8.76 -15.36 -20.92
C PHE A 392 7.99 -16.65 -20.67
N THR A 393 8.29 -17.30 -19.55
CA THR A 393 7.55 -18.51 -19.18
C THR A 393 6.20 -18.14 -18.60
N ASN A 394 6.21 -17.23 -17.64
CA ASN A 394 4.98 -16.76 -17.02
C ASN A 394 5.05 -15.26 -16.78
N VAL A 395 3.89 -14.61 -16.76
CA VAL A 395 3.81 -13.23 -16.33
C VAL A 395 2.79 -13.11 -15.21
N TYR A 396 3.20 -12.57 -14.07
CA TYR A 396 2.28 -12.46 -12.94
C TYR A 396 1.78 -11.04 -12.78
N ALA A 397 0.47 -10.90 -12.64
CA ALA A 397 -0.15 -9.59 -12.48
C ALA A 397 -0.74 -9.44 -11.08
N ASP A 398 -0.05 -8.66 -10.24
CA ASP A 398 -0.46 -8.46 -8.86
C ASP A 398 -1.22 -7.13 -8.71
N SER A 399 -2.48 -7.21 -8.31
CA SER A 399 -3.32 -6.02 -8.25
C SER A 399 -3.78 -5.67 -6.84
N PHE A 400 -3.84 -4.36 -6.55
CA PHE A 400 -4.29 -3.85 -5.26
C PHE A 400 -4.58 -2.35 -5.25
N VAL A 401 -5.24 -1.86 -4.19
CA VAL A 401 -5.50 -0.42 -4.03
C VAL A 401 -4.80 0.19 -2.82
N ILE A 402 -4.06 1.28 -3.08
CA ILE A 402 -3.34 2.04 -2.06
C ILE A 402 -3.54 3.54 -2.27
N ARG A 403 -2.97 4.38 -1.40
CA ARG A 403 -3.03 5.82 -1.59
C ARG A 403 -2.03 6.30 -2.63
N GLY A 404 -2.30 7.44 -3.24
CA GLY A 404 -1.39 8.04 -4.21
C GLY A 404 0.02 8.21 -3.65
N ASP A 405 0.13 8.71 -2.43
CA ASP A 405 1.44 8.97 -1.83
C ASP A 405 2.17 7.69 -1.46
N GLU A 406 1.49 6.55 -1.53
CA GLU A 406 2.08 5.27 -1.19
C GLU A 406 2.55 4.53 -2.44
N VAL A 407 2.30 5.10 -3.61
CA VAL A 407 2.68 4.45 -4.85
C VAL A 407 4.19 4.34 -4.98
N ARG A 408 4.90 5.32 -4.41
CA ARG A 408 6.36 5.32 -4.47
C ARG A 408 6.98 4.14 -3.72
N GLN A 409 6.18 3.47 -2.88
CA GLN A 409 6.69 2.34 -2.13
C GLN A 409 6.66 1.05 -2.94
N ILE A 410 5.98 1.09 -4.08
CA ILE A 410 5.92 -0.10 -4.92
C ILE A 410 7.09 -0.08 -5.88
N ALA A 411 8.26 -0.33 -5.34
CA ALA A 411 9.51 -0.29 -6.10
C ALA A 411 10.59 -1.02 -5.31
N PRO A 412 11.65 -1.49 -5.99
CA PRO A 412 12.86 -2.06 -5.41
C PRO A 412 13.58 -1.08 -4.49
N GLY A 413 14.08 -1.60 -3.38
CA GLY A 413 14.90 -0.83 -2.45
C GLY A 413 14.10 0.15 -1.59
N GLN A 414 12.80 -0.09 -1.44
CA GLN A 414 11.98 0.85 -0.67
C GLN A 414 11.57 0.27 0.68
N THR A 415 11.30 1.17 1.62
CA THR A 415 10.79 0.82 2.93
C THR A 415 9.57 1.67 3.23
N GLY A 416 8.78 1.28 4.24
CA GLY A 416 7.57 2.02 4.57
C GLY A 416 6.46 1.06 4.96
N LYS A 417 5.29 1.61 5.27
CA LYS A 417 4.20 0.78 5.75
C LYS A 417 3.79 -0.28 4.75
N ILE A 418 3.78 0.07 3.47
CA ILE A 418 3.35 -0.86 2.45
C ILE A 418 4.50 -1.78 2.07
N ALA A 419 5.66 -1.18 1.84
CA ALA A 419 6.82 -1.95 1.42
C ALA A 419 7.18 -3.03 2.43
N ASP A 420 7.02 -2.75 3.72
CA ASP A 420 7.44 -3.71 4.75
C ASP A 420 6.35 -4.67 5.23
N TYR A 421 5.10 -4.23 5.33
CA TYR A 421 4.07 -5.09 5.90
C TYR A 421 3.01 -5.58 4.92
N ASN A 422 2.94 -4.99 3.72
CA ASN A 422 1.85 -5.35 2.81
C ASN A 422 2.31 -5.95 1.49
N TYR A 423 3.22 -5.28 0.80
CA TYR A 423 3.64 -5.74 -0.52
C TYR A 423 5.10 -5.41 -0.79
N LYS A 424 5.94 -6.44 -0.79
CA LYS A 424 7.38 -6.26 -0.94
C LYS A 424 7.90 -6.75 -2.29
N LEU A 425 8.66 -5.90 -2.97
CA LEU A 425 9.35 -6.29 -4.20
C LEU A 425 10.82 -6.55 -3.92
N PRO A 426 11.45 -7.50 -4.63
CA PRO A 426 12.85 -7.85 -4.56
C PRO A 426 13.73 -6.76 -5.17
N ASP A 427 14.96 -6.65 -4.70
CA ASP A 427 15.89 -5.65 -5.20
C ASP A 427 16.26 -5.89 -6.65
N ASP A 428 16.17 -7.14 -7.10
CA ASP A 428 16.51 -7.52 -8.46
C ASP A 428 15.26 -7.74 -9.31
N PHE A 429 14.17 -7.11 -8.91
CA PHE A 429 12.89 -7.20 -9.60
C PHE A 429 12.96 -6.87 -11.08
N THR A 430 12.39 -7.73 -11.90
CA THR A 430 12.23 -7.48 -13.33
C THR A 430 10.75 -7.43 -13.65
N GLY A 431 10.29 -6.29 -14.14
CA GLY A 431 8.87 -6.10 -14.36
C GLY A 431 8.47 -4.63 -14.42
N CYS A 432 7.18 -4.39 -14.54
CA CYS A 432 6.63 -3.03 -14.65
C CYS A 432 5.59 -2.75 -13.58
N VAL A 433 5.65 -1.54 -13.02
CA VAL A 433 4.66 -1.10 -12.06
C VAL A 433 3.76 -0.04 -12.68
N ILE A 434 2.49 -0.37 -12.83
CA ILE A 434 1.53 0.51 -13.48
C ILE A 434 0.47 0.96 -12.49
N ALA A 435 0.23 2.26 -12.40
CA ALA A 435 -0.78 2.74 -11.48
C ALA A 435 -1.57 3.91 -12.06
N TRP A 436 -2.82 4.00 -11.64
CA TRP A 436 -3.67 5.11 -12.06
C TRP A 436 -4.66 5.50 -10.99
N ASN A 437 -5.17 6.71 -11.09
CA ASN A 437 -6.12 7.27 -10.14
C ASN A 437 -7.52 6.69 -10.34
N SER A 438 -8.12 6.18 -9.26
CA SER A 438 -9.46 5.60 -9.34
C SER A 438 -10.43 6.34 -8.43
N ASN A 439 -10.25 7.66 -8.33
CA ASN A 439 -11.06 8.49 -7.44
C ASN A 439 -12.53 8.47 -7.82
N ASN A 440 -12.81 8.12 -9.07
CA ASN A 440 -14.17 8.08 -9.55
C ASN A 440 -14.82 6.70 -9.35
N LEU A 441 -14.06 5.74 -8.82
CA LEU A 441 -14.55 4.40 -8.61
C LEU A 441 -14.48 3.94 -7.16
N ASP A 442 -13.32 4.15 -6.53
CA ASP A 442 -13.03 3.58 -5.22
C ASP A 442 -13.30 4.55 -4.08
N SER A 443 -13.89 5.68 -4.40
CA SER A 443 -14.28 6.68 -3.39
C SER A 443 -15.78 6.82 -3.30
N LYS A 444 -16.29 7.08 -2.10
CA LYS A 444 -17.73 7.21 -1.90
C LYS A 444 -18.05 8.42 -1.03
N VAL A 445 -19.27 8.92 -1.17
CA VAL A 445 -19.72 9.99 -0.31
C VAL A 445 -19.97 9.43 1.08
N GLY A 446 -19.33 10.03 2.07
CA GLY A 446 -19.38 9.54 3.44
C GLY A 446 -18.12 8.74 3.78
N GLY A 447 -17.35 8.38 2.75
CA GLY A 447 -16.10 7.66 2.94
C GLY A 447 -16.22 6.17 2.65
N ASN A 448 -15.33 5.68 1.78
CA ASN A 448 -15.25 4.26 1.44
C ASN A 448 -14.21 3.59 2.34
N TYR A 449 -14.68 2.74 3.24
CA TYR A 449 -13.81 2.12 4.24
C TYR A 449 -13.64 0.62 3.99
N ASN A 450 -13.88 0.19 2.75
CA ASN A 450 -13.80 -1.22 2.42
C ASN A 450 -12.38 -1.66 2.07
N TYR A 451 -11.46 -0.73 1.99
CA TYR A 451 -10.07 -1.06 1.68
C TYR A 451 -9.22 -1.03 2.92
N LEU A 452 -8.42 -2.09 3.09
CA LEU A 452 -7.60 -2.23 4.29
C LEU A 452 -6.13 -2.46 3.98
N TYR A 453 -5.29 -2.11 4.95
CA TYR A 453 -3.87 -2.40 4.89
C TYR A 453 -3.41 -2.89 6.25
N ARG A 454 -2.28 -3.59 6.27
CA ARG A 454 -1.74 -4.07 7.53
C ARG A 454 -1.01 -2.96 8.25
N LEU A 455 -1.37 -2.77 9.51
CA LEU A 455 -0.82 -1.72 10.35
C LEU A 455 0.34 -2.25 11.18
N PHE A 456 0.16 -3.45 11.74
CA PHE A 456 1.20 -4.04 12.59
C PHE A 456 1.59 -5.43 12.14
N ARG A 457 2.87 -5.75 12.31
CA ARG A 457 3.36 -7.09 12.05
C ARG A 457 4.60 -7.35 12.89
N LYS A 458 4.83 -8.62 13.24
CA LYS A 458 6.00 -8.99 14.03
C LYS A 458 7.31 -8.79 13.28
N SER A 459 7.29 -8.98 11.97
CA SER A 459 8.48 -8.85 11.14
C SER A 459 8.12 -8.38 9.74
N ASN A 460 9.13 -8.04 8.94
CA ASN A 460 8.91 -7.55 7.59
C ASN A 460 8.67 -8.70 6.62
N LEU A 461 8.00 -8.41 5.52
CA LEU A 461 7.72 -9.40 4.49
C LEU A 461 8.91 -9.67 3.59
N LYS A 462 8.99 -10.89 3.10
CA LYS A 462 9.93 -11.25 2.04
C LYS A 462 9.28 -10.91 0.71
N PRO A 463 10.04 -10.79 -0.37
CA PRO A 463 9.57 -10.49 -1.71
C PRO A 463 8.43 -11.40 -2.12
N PHE A 464 7.34 -10.79 -2.58
CA PHE A 464 6.14 -11.47 -3.03
C PHE A 464 5.48 -12.35 -1.96
N GLU A 465 5.76 -12.05 -0.70
CA GLU A 465 5.09 -12.72 0.40
C GLU A 465 3.78 -12.02 0.72
N ARG A 466 2.77 -12.81 1.10
CA ARG A 466 1.51 -12.24 1.54
C ARG A 466 1.16 -12.76 2.93
N ASP A 467 0.41 -11.97 3.68
CA ASP A 467 -0.02 -12.36 5.00
C ASP A 467 -1.46 -11.91 5.24
N ILE A 468 -2.36 -12.86 5.39
CA ILE A 468 -3.78 -12.54 5.54
C ILE A 468 -4.30 -12.91 6.92
N SER A 469 -3.39 -13.10 7.87
CA SER A 469 -3.77 -13.37 9.25
C SER A 469 -4.42 -12.14 9.90
N THR A 470 -5.40 -12.39 10.77
CA THR A 470 -6.05 -11.33 11.52
C THR A 470 -5.82 -11.49 13.01
N GLU A 471 -4.82 -12.29 13.39
CA GLU A 471 -4.51 -12.52 14.80
C GLU A 471 -4.08 -11.22 15.47
N ILE A 472 -4.59 -10.98 16.67
CA ILE A 472 -4.34 -9.75 17.41
C ILE A 472 -2.86 -9.59 17.77
N TYR A 473 -2.35 -8.39 17.53
CA TYR A 473 -0.96 -8.03 17.75
C TYR A 473 -0.71 -7.58 19.17
N GLN A 474 0.32 -8.14 19.78
CA GLN A 474 0.69 -7.81 21.15
C GLN A 474 1.80 -6.77 21.13
N ALA A 475 1.51 -5.58 21.62
CA ALA A 475 2.47 -4.48 21.54
C ALA A 475 3.52 -4.53 22.64
N GLY A 476 3.16 -5.07 23.80
CA GLY A 476 4.08 -5.09 24.93
C GLY A 476 4.27 -6.50 25.49
N SER A 477 4.58 -6.58 26.79
CA SER A 477 4.84 -7.85 27.45
C SER A 477 3.56 -8.49 27.98
N THR A 478 2.49 -7.68 28.03
CA THR A 478 1.19 -8.14 28.51
C THR A 478 0.48 -8.95 27.42
N PRO A 479 0.07 -10.20 27.72
CA PRO A 479 -0.57 -11.13 26.80
C PRO A 479 -1.98 -10.66 26.45
N CYS A 480 -2.37 -10.91 25.18
CA CYS A 480 -3.68 -10.47 24.71
C CYS A 480 -4.73 -11.59 24.79
N ASN A 481 -4.29 -12.82 24.58
CA ASN A 481 -5.19 -13.97 24.57
C ASN A 481 -6.26 -13.85 23.48
N GLY A 482 -5.90 -13.19 22.39
CA GLY A 482 -6.78 -13.04 21.24
C GLY A 482 -7.81 -11.93 21.43
N VAL A 483 -7.66 -11.16 22.49
CA VAL A 483 -8.60 -10.10 22.79
C VAL A 483 -8.03 -8.71 22.50
N GLU A 484 -8.74 -7.95 21.67
CA GLU A 484 -8.34 -6.58 21.38
C GLU A 484 -8.64 -5.68 22.57
N GLY A 485 -7.74 -4.75 22.88
CA GLY A 485 -7.89 -3.92 24.05
C GLY A 485 -6.63 -3.10 24.35
N PHE A 486 -6.34 -2.91 25.63
CA PHE A 486 -5.21 -2.09 26.02
C PHE A 486 -3.88 -2.77 25.67
N ASN A 487 -3.09 -2.10 24.83
CA ASN A 487 -1.81 -2.62 24.31
C ASN A 487 -1.97 -3.84 23.39
N CYS A 488 -3.20 -4.09 22.91
CA CYS A 488 -3.50 -5.20 21.99
C CYS A 488 -4.29 -4.65 20.81
N TYR A 489 -3.78 -4.88 19.61
CA TYR A 489 -4.38 -4.24 18.43
C TYR A 489 -4.80 -5.23 17.37
N PHE A 490 -5.87 -4.88 16.67
CA PHE A 490 -6.24 -5.60 15.46
C PHE A 490 -5.25 -5.16 14.38
N PRO A 491 -4.58 -6.09 13.70
CA PRO A 491 -3.45 -5.88 12.83
C PRO A 491 -3.77 -5.07 11.57
N LEU A 492 -5.04 -5.02 11.19
CA LEU A 492 -5.43 -4.31 9.97
C LEU A 492 -6.05 -2.97 10.27
N GLN A 493 -5.94 -2.04 9.32
CA GLN A 493 -6.54 -0.73 9.44
C GLN A 493 -7.15 -0.30 8.10
N SER A 494 -8.22 0.47 8.14
CA SER A 494 -8.91 0.88 6.93
C SER A 494 -8.41 2.20 6.35
N TYR A 495 -8.70 2.41 5.08
CA TYR A 495 -8.47 3.69 4.41
C TYR A 495 -9.76 4.49 4.38
N GLY A 496 -9.65 5.81 4.39
CA GLY A 496 -10.84 6.65 4.24
C GLY A 496 -10.86 7.33 2.88
N PHE A 497 -11.49 6.70 1.90
CA PHE A 497 -11.51 7.24 0.53
C PHE A 497 -12.80 7.97 0.20
N GLN A 498 -12.70 9.28 -0.04
CA GLN A 498 -13.85 10.08 -0.42
C GLN A 498 -13.46 10.98 -1.60
N PRO A 499 -14.44 11.38 -2.45
CA PRO A 499 -14.26 12.15 -3.68
C PRO A 499 -13.48 13.45 -3.52
N THR A 500 -13.54 14.03 -2.32
CA THR A 500 -12.96 15.35 -2.09
C THR A 500 -11.60 15.32 -1.41
N ASN A 501 -11.01 14.13 -1.30
CA ASN A 501 -9.67 14.00 -0.72
C ASN A 501 -8.61 14.72 -1.53
N GLY A 502 -7.59 15.18 -0.84
CA GLY A 502 -6.41 15.72 -1.51
C GLY A 502 -5.76 14.62 -2.34
N VAL A 503 -5.10 15.03 -3.42
CA VAL A 503 -4.46 14.10 -4.35
C VAL A 503 -3.57 13.02 -3.71
N GLY A 504 -2.86 13.38 -2.66
CA GLY A 504 -1.96 12.45 -1.99
C GLY A 504 -2.69 11.28 -1.34
N TYR A 505 -3.91 11.50 -0.90
CA TYR A 505 -4.63 10.43 -0.24
C TYR A 505 -5.89 10.00 -0.99
N GLN A 506 -5.91 10.28 -2.30
CA GLN A 506 -6.90 9.68 -3.18
C GLN A 506 -6.46 8.25 -3.46
N PRO A 507 -7.39 7.33 -3.73
CA PRO A 507 -7.14 5.95 -4.05
C PRO A 507 -6.50 5.78 -5.42
N TYR A 508 -5.54 4.88 -5.50
CA TYR A 508 -4.91 4.50 -6.77
C TYR A 508 -4.92 2.99 -6.95
N ARG A 509 -5.20 2.56 -8.17
CA ARG A 509 -5.14 1.14 -8.50
C ARG A 509 -3.78 0.80 -9.05
N VAL A 510 -3.17 -0.24 -8.50
CA VAL A 510 -1.83 -0.61 -8.89
C VAL A 510 -1.78 -2.04 -9.44
N VAL A 511 -1.13 -2.19 -10.58
CA VAL A 511 -0.89 -3.50 -11.17
C VAL A 511 0.61 -3.69 -11.40
N VAL A 512 1.16 -4.76 -10.84
CA VAL A 512 2.57 -5.04 -11.02
C VAL A 512 2.76 -6.28 -11.90
N LEU A 513 3.45 -6.09 -13.02
CA LEU A 513 3.68 -7.18 -13.96
C LEU A 513 5.09 -7.74 -13.79
N SER A 514 5.17 -8.95 -13.25
CA SER A 514 6.45 -9.61 -13.00
C SER A 514 6.77 -10.62 -14.09
N PHE A 515 7.95 -10.49 -14.68
CA PHE A 515 8.32 -11.34 -15.81
C PHE A 515 9.37 -12.36 -15.43
N GLU A 516 9.05 -13.65 -15.56
CA GLU A 516 10.03 -14.67 -15.22
C GLU A 516 10.33 -15.58 -16.39
N LEU A 517 11.60 -15.94 -16.50
CA LEU A 517 12.07 -16.85 -17.55
C LEU A 517 12.75 -18.04 -16.88
N LEU A 518 12.17 -19.23 -17.04
CA LEU A 518 12.70 -20.43 -16.42
C LEU A 518 13.33 -21.33 -17.49
N HIS A 519 13.15 -22.65 -17.35
CA HIS A 519 13.67 -23.60 -18.33
C HIS A 519 12.60 -24.03 -19.32
N ALA A 520 11.36 -23.73 -18.99
CA ALA A 520 10.20 -24.12 -19.77
C ALA A 520 10.16 -23.29 -21.06
N PRO A 521 9.44 -23.75 -22.09
CA PRO A 521 9.49 -23.29 -23.48
C PRO A 521 9.33 -21.79 -23.69
N ALA A 522 8.84 -21.06 -22.70
CA ALA A 522 8.65 -19.61 -22.80
C ALA A 522 7.48 -19.31 -23.72
N THR A 523 6.27 -19.45 -23.19
CA THR A 523 5.07 -19.43 -24.00
C THR A 523 4.42 -18.05 -24.10
N VAL A 524 4.89 -17.08 -23.32
CA VAL A 524 4.28 -15.76 -23.38
C VAL A 524 5.15 -14.81 -24.20
N CYS A 525 4.78 -14.61 -25.46
CA CYS A 525 5.52 -13.78 -26.40
C CYS A 525 4.61 -12.67 -26.90
N GLY A 526 5.19 -11.55 -27.30
CA GLY A 526 4.39 -10.50 -27.89
C GLY A 526 4.21 -10.79 -29.39
N PRO A 527 3.43 -9.97 -30.13
CA PRO A 527 3.21 -10.05 -31.57
C PRO A 527 4.52 -10.08 -32.34
N GLU B 1 -7.20 24.62 2.44
CA GLU B 1 -6.37 23.43 2.58
C GLU B 1 -6.21 23.00 4.06
N LEU B 2 -7.23 23.27 4.90
CA LEU B 2 -7.17 22.94 6.32
C LEU B 2 -7.16 21.43 6.56
N GLU B 3 -8.03 20.71 5.85
CA GLU B 3 -8.11 19.27 5.98
C GLU B 3 -6.82 18.61 5.52
N GLU B 4 -6.25 19.13 4.43
CA GLU B 4 -5.00 18.61 3.89
C GLU B 4 -3.84 18.93 4.80
N GLN B 5 -3.89 20.11 5.42
CA GLN B 5 -2.83 20.56 6.30
C GLN B 5 -2.67 19.63 7.50
N VAL B 6 -3.81 19.16 8.04
CA VAL B 6 -3.80 18.24 9.16
C VAL B 6 -3.30 16.86 8.75
N MET B 7 -3.72 16.39 7.58
CA MET B 7 -3.25 15.09 7.12
C MET B 7 -1.73 15.05 7.10
N HIS B 8 -1.12 16.15 6.67
CA HIS B 8 0.32 16.24 6.58
C HIS B 8 1.00 15.82 7.87
N VAL B 9 0.53 16.35 9.01
CA VAL B 9 1.14 16.04 10.30
C VAL B 9 0.75 14.67 10.80
N LEU B 10 -0.47 14.22 10.50
CA LEU B 10 -0.89 12.89 10.92
C LEU B 10 -0.04 11.82 10.23
N ASP B 11 0.28 12.03 8.95
CA ASP B 11 1.14 11.08 8.25
C ASP B 11 2.53 11.09 8.85
N GLN B 12 3.05 12.27 9.17
CA GLN B 12 4.39 12.36 9.75
C GLN B 12 4.49 11.55 11.05
N VAL B 13 3.43 11.59 11.84
CA VAL B 13 3.41 10.82 13.08
C VAL B 13 3.44 9.33 12.79
N SER B 14 2.64 8.88 11.84
CA SER B 14 2.58 7.46 11.52
C SER B 14 3.88 6.95 10.92
N GLU B 15 4.55 7.78 10.13
CA GLU B 15 5.79 7.36 9.51
C GLU B 15 6.93 7.23 10.52
N LEU B 16 7.02 8.19 11.43
CA LEU B 16 8.06 8.13 12.44
C LEU B 16 7.76 7.00 13.43
N ALA B 17 6.51 6.89 13.84
CA ALA B 17 6.12 5.85 14.78
C ALA B 17 6.40 4.47 14.18
N HIS B 18 6.21 4.33 12.87
CA HIS B 18 6.49 3.08 12.18
C HIS B 18 7.97 2.71 12.22
N GLU B 19 8.83 3.68 11.89
CA GLU B 19 10.26 3.40 11.89
C GLU B 19 10.73 2.94 13.26
N LEU B 20 10.15 3.52 14.30
CA LEU B 20 10.54 3.20 15.67
C LEU B 20 10.14 1.80 16.10
N LEU B 21 9.28 1.14 15.33
CA LEU B 21 8.84 -0.20 15.68
C LEU B 21 9.94 -1.23 15.44
N HIS B 22 11.00 -0.81 14.77
CA HIS B 22 12.13 -1.70 14.52
C HIS B 22 13.34 -1.32 15.37
N LYS B 23 13.16 -0.33 16.25
CA LYS B 23 14.28 0.17 17.04
C LYS B 23 14.04 0.09 18.54
N LEU B 24 12.83 0.41 18.97
CA LEU B 24 12.52 0.51 20.38
C LEU B 24 12.18 -0.84 20.99
N THR B 25 12.44 -1.00 22.27
CA THR B 25 12.13 -2.22 23.01
C THR B 25 11.45 -1.91 24.33
N GLY B 26 10.49 -2.74 24.73
CA GLY B 26 9.84 -2.60 26.02
C GLY B 26 8.77 -1.50 25.99
N GLU B 27 8.72 -0.72 27.06
CA GLU B 27 7.69 0.32 27.20
C GLU B 27 7.79 1.35 26.09
N GLU B 28 9.00 1.64 25.63
CA GLU B 28 9.19 2.61 24.55
C GLU B 28 8.53 2.14 23.26
N LEU B 29 8.59 0.82 23.01
CA LEU B 29 7.99 0.24 21.82
C LEU B 29 6.48 0.26 21.91
N GLU B 30 5.97 -0.11 23.07
CA GLU B 30 4.53 -0.15 23.30
C GLU B 30 3.95 1.23 23.08
N ARG B 31 4.67 2.24 23.55
CA ARG B 31 4.24 3.63 23.40
C ARG B 31 4.19 4.02 21.93
N ALA B 32 5.24 3.69 21.18
CA ALA B 32 5.29 4.01 19.75
C ALA B 32 4.18 3.31 18.99
N ALA B 33 3.88 2.06 19.37
CA ALA B 33 2.81 1.32 18.70
C ALA B 33 1.47 2.04 18.87
N TYR B 34 1.23 2.55 20.07
CA TYR B 34 0.02 3.30 20.33
C TYR B 34 -0.08 4.53 19.44
N PHE B 35 0.99 5.31 19.38
CA PHE B 35 0.97 6.53 18.60
C PHE B 35 0.77 6.24 17.13
N ASN B 36 1.37 5.15 16.65
CA ASN B 36 1.18 4.74 15.26
C ASN B 36 -0.29 4.51 14.98
N TRP B 37 -0.92 3.70 15.83
CA TRP B 37 -2.33 3.38 15.71
C TRP B 37 -3.20 4.63 15.84
N TRP B 38 -2.88 5.49 16.79
CA TRP B 38 -3.65 6.72 16.99
C TRP B 38 -3.70 7.53 15.72
N ALA B 39 -2.54 7.76 15.12
CA ALA B 39 -2.49 8.60 13.93
C ALA B 39 -3.32 8.04 12.80
N THR B 40 -3.24 6.73 12.58
CA THR B 40 -3.96 6.13 11.47
C THR B 40 -5.46 6.07 11.74
N GLU B 41 -5.85 6.07 13.01
CA GLU B 41 -7.25 6.10 13.38
C GLU B 41 -7.81 7.50 13.20
N MET B 42 -7.02 8.51 13.57
CA MET B 42 -7.46 9.89 13.47
C MET B 42 -7.57 10.35 12.02
N MET B 43 -6.83 9.70 11.12
CA MET B 43 -6.93 10.01 9.70
C MET B 43 -8.33 9.67 9.17
N LEU B 44 -9.04 8.81 9.88
CA LEU B 44 -10.38 8.41 9.46
C LEU B 44 -11.41 9.34 10.05
N GLU B 45 -11.15 9.86 11.24
CA GLU B 45 -12.04 10.81 11.88
C GLU B 45 -11.90 12.20 11.30
N LEU B 46 -10.71 12.51 10.79
CA LEU B 46 -10.47 13.80 10.15
C LEU B 46 -11.42 13.95 8.96
N ILE B 47 -11.41 12.94 8.09
CA ILE B 47 -12.29 12.92 6.92
C ILE B 47 -13.80 12.91 7.18
N LYS B 48 -14.24 12.05 8.11
CA LYS B 48 -15.66 11.96 8.46
C LYS B 48 -16.42 13.13 9.17
N SER B 49 -15.62 13.85 9.95
CA SER B 49 -16.09 14.95 10.79
C SER B 49 -16.40 16.30 10.21
N ASP B 50 -16.83 17.21 11.07
CA ASP B 50 -17.08 18.59 10.69
C ASP B 50 -16.75 19.49 11.87
N ASP B 51 -16.91 20.80 11.70
CA ASP B 51 -16.62 21.80 12.74
C ASP B 51 -15.11 22.05 12.85
N GLU B 52 -14.71 23.28 12.52
CA GLU B 52 -13.30 23.65 12.48
C GLU B 52 -12.59 23.38 13.81
N ARG B 53 -13.31 23.54 14.91
CA ARG B 53 -12.72 23.34 16.23
C ARG B 53 -12.25 21.91 16.46
N GLU B 54 -12.95 20.94 15.87
CA GLU B 54 -12.55 19.54 16.03
C GLU B 54 -11.31 19.27 15.22
N ILE B 55 -11.24 19.92 14.06
CA ILE B 55 -10.13 19.74 13.15
C ILE B 55 -8.84 20.29 13.74
N ARG B 56 -8.92 21.46 14.37
CA ARG B 56 -7.74 22.05 15.00
C ARG B 56 -7.31 21.27 16.23
N GLU B 57 -8.26 20.71 16.98
CA GLU B 57 -7.91 19.94 18.18
C GLU B 57 -7.08 18.73 17.78
N ILE B 58 -7.44 18.11 16.66
CA ILE B 58 -6.71 16.95 16.17
C ILE B 58 -5.28 17.34 15.81
N GLU B 59 -5.14 18.46 15.11
CA GLU B 59 -3.83 18.93 14.69
C GLU B 59 -2.91 19.17 15.88
N GLU B 60 -3.44 19.87 16.90
CA GLU B 60 -2.62 20.22 18.05
C GLU B 60 -2.13 18.99 18.79
N GLU B 61 -3.00 18.00 18.95
CA GLU B 61 -2.59 16.78 19.60
C GLU B 61 -1.55 16.03 18.78
N ALA B 62 -1.75 16.00 17.45
CA ALA B 62 -0.84 15.31 16.56
C ALA B 62 0.55 15.94 16.62
N ARG B 63 0.61 17.26 16.71
CA ARG B 63 1.89 17.94 16.77
C ARG B 63 2.64 17.64 18.07
N ARG B 64 1.91 17.57 19.18
CA ARG B 64 2.54 17.22 20.45
C ARG B 64 3.12 15.82 20.39
N ILE B 65 2.37 14.90 19.76
CA ILE B 65 2.82 13.53 19.60
C ILE B 65 4.05 13.41 18.73
N LEU B 66 4.08 14.15 17.62
CA LEU B 66 5.22 14.09 16.72
C LEU B 66 6.49 14.53 17.43
N GLU B 67 6.40 15.61 18.20
CA GLU B 67 7.55 16.11 18.94
C GLU B 67 8.00 15.08 19.97
N HIS B 68 7.03 14.43 20.60
CA HIS B 68 7.33 13.39 21.58
C HIS B 68 8.08 12.22 20.95
N LEU B 69 7.60 11.77 19.79
CA LEU B 69 8.23 10.64 19.12
C LEU B 69 9.69 10.91 18.79
N GLU B 70 10.01 12.14 18.43
CA GLU B 70 11.38 12.50 18.08
C GLU B 70 12.32 12.35 19.27
N GLU B 71 11.78 12.35 20.49
CA GLU B 71 12.59 12.18 21.68
C GLU B 71 13.03 10.73 21.83
N LEU B 72 12.29 9.83 21.18
CA LEU B 72 12.62 8.41 21.20
C LEU B 72 13.60 8.10 20.08
N ALA B 73 13.41 8.77 18.95
CA ALA B 73 14.24 8.56 17.77
C ALA B 73 15.68 9.01 17.99
N ARG B 74 15.85 10.12 18.71
CA ARG B 74 17.18 10.67 18.96
C ARG B 74 17.99 9.86 19.99
N LYS B 75 17.31 9.01 20.77
CA LYS B 75 17.92 8.25 21.85
C LYS B 75 18.14 6.80 21.40
#